data_8HIV
#
_entry.id   8HIV
#
_cell.length_a   101.677
_cell.length_b   101.677
_cell.length_c   130.922
_cell.angle_alpha   90.000
_cell.angle_beta   90.000
_cell.angle_gamma   120.000
#
_symmetry.space_group_name_H-M   'P 61 2 2'
#
loop_
_entity.id
_entity.type
_entity.pdbx_description
1 polymer 'Fe/2OG dependent dioxygenase'
2 non-polymer '2-OXOGLUTARIC ACID'
3 non-polymer 'FE (II) ION'
4 water water
#
_entity_poly.entity_id   1
_entity_poly.type   'polypeptide(L)'
_entity_poly.pdbx_seq_one_letter_code
;MTDHARGTLPEIRRGRIYRDVYHKRVDEEPVDRTADLERARLGDDGLDFQDDAAQARAFAQGVFLLEIPEWLDLSAGDRF
ARQFFQGTGVEPYGKYRDLSSEHFGDELLGYHSRVDQLEQFLLERRFWGEVYPSEIATLGEHLTLLSHRVLRSVLASAGI
PEEDWHRASGGCSETNGSYHLTFNHYRSAHQDIGLSSHKDDGFITVLRTTAQGLEVNRDDVWEKVPVDPACFVVNFGLSM
EILTSACVTPLSAIMHRVSHQNFDRSSFGHFSSSRCLPGADDGIYRYLPSAGLERVCGSRELIEENDHEIYMGTEGQGLE
HHHHHHHH
;
_entity_poly.pdbx_strand_id   A
#
# COMPACT_ATOMS: atom_id res chain seq x y z
N ARG A 33 -16.70 -13.95 9.06
CA ARG A 33 -16.27 -12.95 10.03
C ARG A 33 -14.73 -12.78 10.03
N THR A 34 -13.95 -13.87 9.99
CA THR A 34 -12.51 -13.78 9.77
C THR A 34 -12.19 -14.30 8.38
N ALA A 35 -11.49 -13.48 7.59
CA ALA A 35 -11.19 -13.85 6.22
C ALA A 35 -10.09 -14.90 6.18
N ASP A 36 -10.21 -15.84 5.24
CA ASP A 36 -9.21 -16.86 4.99
C ASP A 36 -8.37 -16.39 3.80
N LEU A 37 -7.12 -16.02 4.06
CA LEU A 37 -6.28 -15.43 3.03
C LEU A 37 -5.21 -16.42 2.60
N GLU A 38 -4.89 -16.41 1.31
CA GLU A 38 -3.74 -17.16 0.84
C GLU A 38 -2.45 -16.47 1.28
N ARG A 39 -1.46 -17.29 1.54
CA ARG A 39 -0.15 -16.85 1.99
C ARG A 39 0.86 -17.10 0.88
N ALA A 40 1.74 -16.13 0.64
CA ALA A 40 2.78 -16.25 -0.36
C ALA A 40 4.12 -15.84 0.26
N ARG A 41 5.18 -16.18 -0.45
CA ARG A 41 6.54 -15.78 -0.14
C ARG A 41 7.19 -15.27 -1.42
N LEU A 42 8.19 -14.41 -1.29
CA LEU A 42 9.02 -14.02 -2.42
C LEU A 42 10.13 -15.04 -2.56
N GLY A 43 10.24 -15.66 -3.74
CA GLY A 43 11.30 -16.59 -4.04
C GLY A 43 11.99 -16.23 -5.35
N ASP A 44 12.45 -17.28 -6.04
CA ASP A 44 13.29 -17.09 -7.21
C ASP A 44 12.53 -16.67 -8.46
N ASP A 45 11.29 -17.13 -8.64
CA ASP A 45 10.55 -16.68 -9.81
C ASP A 45 9.34 -15.85 -9.41
N GLY A 46 9.55 -14.90 -8.50
CA GLY A 46 8.48 -14.04 -8.06
C GLY A 46 7.72 -14.60 -6.88
N LEU A 47 6.41 -14.36 -6.88
CA LEU A 47 5.55 -14.84 -5.80
C LEU A 47 5.39 -16.35 -5.87
N ASP A 48 5.70 -17.01 -4.75
CA ASP A 48 5.45 -18.45 -4.58
C ASP A 48 4.26 -18.62 -3.63
N PHE A 49 3.08 -18.83 -4.19
CA PHE A 49 1.97 -19.37 -3.41
C PHE A 49 2.16 -20.89 -3.27
N GLN A 50 1.22 -21.54 -2.59
CA GLN A 50 1.35 -22.99 -2.38
C GLN A 50 1.26 -23.74 -3.71
N ASP A 51 0.50 -23.21 -4.66
CA ASP A 51 0.29 -23.82 -5.98
C ASP A 51 -0.47 -22.82 -6.83
N ASP A 52 -0.66 -23.18 -8.10
CA ASP A 52 -1.27 -22.26 -9.06
C ASP A 52 -2.72 -21.95 -8.74
N ALA A 53 -3.41 -22.87 -8.05
CA ALA A 53 -4.78 -22.59 -7.65
C ALA A 53 -4.84 -21.47 -6.61
N ALA A 54 -3.98 -21.57 -5.59
CA ALA A 54 -3.93 -20.57 -4.52
C ALA A 54 -3.63 -19.18 -5.08
N GLN A 55 -2.62 -19.08 -5.94
CA GLN A 55 -2.27 -17.79 -6.53
C GLN A 55 -3.48 -17.19 -7.25
N ALA A 56 -4.23 -18.02 -7.97
CA ALA A 56 -5.41 -17.54 -8.68
C ALA A 56 -6.50 -17.10 -7.72
N ARG A 57 -6.68 -17.81 -6.60
CA ARG A 57 -7.64 -17.34 -5.61
C ARG A 57 -7.20 -16.00 -5.03
N ALA A 58 -5.91 -15.91 -4.65
CA ALA A 58 -5.39 -14.70 -4.03
C ALA A 58 -5.57 -13.49 -4.94
N PHE A 59 -5.12 -13.60 -6.19
CA PHE A 59 -5.22 -12.47 -7.10
C PHE A 59 -6.67 -12.12 -7.36
N ALA A 60 -7.56 -13.10 -7.32
CA ALA A 60 -8.98 -12.85 -7.58
C ALA A 60 -9.67 -12.23 -6.37
N GLN A 61 -9.28 -12.63 -5.15
CA GLN A 61 -9.80 -11.95 -3.96
C GLN A 61 -9.28 -10.53 -3.83
N GLY A 62 -8.09 -10.25 -4.35
CA GLY A 62 -7.54 -8.91 -4.28
C GLY A 62 -6.79 -8.61 -2.99
N VAL A 63 -6.46 -9.62 -2.21
CA VAL A 63 -5.78 -9.42 -0.94
C VAL A 63 -5.18 -10.75 -0.53
N PHE A 64 -3.94 -10.71 -0.05
CA PHE A 64 -3.27 -11.93 0.39
C PHE A 64 -2.18 -11.55 1.36
N LEU A 65 -1.61 -12.57 2.00
CA LEU A 65 -0.55 -12.39 2.96
C LEU A 65 0.79 -12.65 2.29
N LEU A 66 1.79 -11.86 2.66
CA LEU A 66 3.14 -12.01 2.11
C LEU A 66 4.13 -12.11 3.26
N GLU A 67 4.85 -13.23 3.31
CA GLU A 67 5.77 -13.45 4.41
C GLU A 67 6.84 -12.38 4.38
N ILE A 68 7.25 -11.94 5.58
CA ILE A 68 8.22 -10.88 5.72
C ILE A 68 9.59 -11.54 5.66
N PRO A 69 10.47 -11.11 4.74
CA PRO A 69 11.84 -11.66 4.71
C PRO A 69 12.51 -11.54 6.07
N GLU A 70 13.13 -12.64 6.49
CA GLU A 70 13.70 -12.72 7.84
C GLU A 70 14.81 -11.69 8.06
N TRP A 71 15.49 -11.28 6.99
CA TRP A 71 16.55 -10.27 7.15
C TRP A 71 16.03 -8.86 7.32
N LEU A 72 14.76 -8.60 7.03
CA LEU A 72 14.26 -7.23 6.97
C LEU A 72 13.86 -6.78 8.37
N ASP A 73 14.51 -5.73 8.86
CA ASP A 73 14.26 -5.16 10.19
C ASP A 73 13.11 -4.17 10.11
N LEU A 74 12.03 -4.45 10.82
CA LEU A 74 10.86 -3.57 10.82
C LEU A 74 10.73 -2.78 12.12
N SER A 75 11.72 -2.87 13.00
CA SER A 75 11.58 -2.33 14.34
C SER A 75 11.62 -0.82 14.35
N ALA A 76 12.44 -0.21 13.48
CA ALA A 76 12.46 1.26 13.42
C ALA A 76 11.15 1.79 12.85
N GLY A 77 10.59 1.12 11.83
CA GLY A 77 9.31 1.53 11.31
C GLY A 77 8.20 1.41 12.34
N ASP A 78 8.15 0.29 13.06
CA ASP A 78 7.16 0.09 14.13
C ASP A 78 7.22 1.23 15.15
N ARG A 79 8.45 1.61 15.56
CA ARG A 79 8.62 2.68 16.53
C ARG A 79 8.19 4.04 15.97
N PHE A 80 8.54 4.34 14.72
CA PHE A 80 8.09 5.58 14.09
C PHE A 80 6.57 5.69 14.12
N ALA A 81 5.87 4.59 13.77
CA ALA A 81 4.42 4.60 13.76
C ALA A 81 3.85 4.83 15.15
N ARG A 82 4.53 4.36 16.21
CA ARG A 82 4.12 4.60 17.60
C ARG A 82 4.45 6.00 18.11
N GLN A 83 5.29 6.76 17.41
CA GLN A 83 5.82 7.98 17.99
C GLN A 83 5.53 9.24 17.18
N PHE A 84 5.35 9.14 15.86
CA PHE A 84 5.41 10.33 14.99
C PHE A 84 4.44 11.43 15.41
N PHE A 85 3.34 11.07 16.06
CA PHE A 85 2.29 12.04 16.36
C PHE A 85 2.53 12.74 17.68
N GLN A 86 3.59 12.39 18.41
CA GLN A 86 3.70 12.79 19.80
C GLN A 86 4.43 14.11 20.02
N GLY A 87 5.07 14.67 18.98
CA GLY A 87 5.73 15.96 19.11
C GLY A 87 7.17 15.86 19.60
N THR A 88 7.84 17.02 19.63
CA THR A 88 9.29 17.05 19.82
C THR A 88 9.75 16.57 21.20
N GLY A 89 8.87 16.49 22.19
CA GLY A 89 9.34 15.92 23.46
C GLY A 89 9.73 14.44 23.41
N VAL A 90 9.35 13.70 22.37
CA VAL A 90 9.48 12.25 22.36
C VAL A 90 10.50 11.89 21.29
N GLU A 91 11.57 11.16 21.70
CA GLU A 91 12.70 10.86 20.85
C GLU A 91 12.67 9.40 20.43
N PRO A 92 13.15 9.08 19.22
CA PRO A 92 13.67 10.02 18.22
C PRO A 92 12.68 10.51 17.17
N TYR A 93 11.42 10.08 17.17
CA TYR A 93 10.58 10.37 16.01
C TYR A 93 9.40 11.30 16.29
N GLY A 94 9.17 11.69 17.55
CA GLY A 94 8.01 12.53 17.84
C GLY A 94 8.00 13.86 17.10
N LYS A 95 9.18 14.39 16.76
CA LYS A 95 9.27 15.71 16.14
C LYS A 95 8.57 15.77 14.79
N TYR A 96 8.37 14.62 14.12
CA TYR A 96 7.76 14.67 12.79
C TYR A 96 6.32 15.16 12.84
N ARG A 97 5.70 15.16 14.03
CA ARG A 97 4.38 15.76 14.19
C ARG A 97 4.34 17.20 13.68
N ASP A 98 5.46 17.92 13.77
CA ASP A 98 5.47 19.34 13.44
C ASP A 98 5.71 19.62 11.96
N LEU A 99 6.00 18.61 11.14
CA LEU A 99 6.14 18.79 9.69
C LEU A 99 4.78 18.60 9.03
N SER A 100 4.03 19.69 8.95
CA SER A 100 2.67 19.64 8.45
C SER A 100 2.69 19.90 6.94
N SER A 101 1.49 20.01 6.34
CA SER A 101 1.39 20.09 4.89
C SER A 101 2.12 21.32 4.32
N GLU A 102 2.28 22.38 5.12
CA GLU A 102 2.85 23.62 4.61
C GLU A 102 4.34 23.52 4.35
N HIS A 103 5.05 22.63 5.06
CA HIS A 103 6.48 22.45 4.84
C HIS A 103 6.78 21.76 3.50
N PHE A 104 5.76 21.33 2.77
CA PHE A 104 5.93 20.70 1.46
C PHE A 104 5.09 21.45 0.44
N GLY A 105 5.59 21.52 -0.79
CA GLY A 105 4.77 22.03 -1.87
C GLY A 105 3.57 21.15 -2.18
N ASP A 106 3.64 19.87 -1.78
CA ASP A 106 2.59 18.91 -2.03
C ASP A 106 1.63 18.92 -0.85
N GLU A 107 0.36 19.26 -1.12
CA GLU A 107 -0.69 19.31 -0.11
C GLU A 107 -0.74 18.04 0.73
N LEU A 108 -0.48 16.89 0.13
CA LEU A 108 -0.87 15.63 0.73
C LEU A 108 0.18 15.01 1.64
N LEU A 109 1.36 15.62 1.78
CA LEU A 109 2.47 15.03 2.52
C LEU A 109 2.62 15.63 3.92
N GLY A 110 3.40 14.96 4.75
CA GLY A 110 3.62 15.38 6.13
C GLY A 110 2.60 14.81 7.09
N TYR A 111 2.49 15.46 8.25
CA TYR A 111 1.53 15.05 9.27
C TYR A 111 0.13 15.54 8.90
N HIS A 112 -0.87 14.66 9.03
CA HIS A 112 -2.26 15.00 8.77
C HIS A 112 -3.17 14.35 9.82
N SER A 113 -4.02 15.16 10.44
CA SER A 113 -5.16 14.64 11.20
C SER A 113 -6.31 14.34 10.25
N ARG A 114 -6.82 13.11 10.25
CA ARG A 114 -7.99 12.78 9.44
C ARG A 114 -9.27 12.94 10.25
N VAL A 115 -10.41 12.83 9.55
CA VAL A 115 -11.72 12.95 10.18
C VAL A 115 -12.04 11.72 11.04
N ASP A 116 -11.54 10.53 10.67
CA ASP A 116 -11.74 9.33 11.47
C ASP A 116 -10.76 9.32 12.64
N GLN A 117 -10.64 8.20 13.37
CA GLN A 117 -9.63 8.13 14.42
C GLN A 117 -8.21 8.29 13.89
N LEU A 118 -8.01 8.01 12.60
CA LEU A 118 -6.68 7.97 12.02
C LEU A 118 -6.01 9.34 12.07
N GLU A 119 -4.72 9.34 12.42
CA GLU A 119 -3.80 10.38 12.00
C GLU A 119 -2.60 9.73 11.34
N GLN A 120 -1.90 10.48 10.50
CA GLN A 120 -0.97 9.91 9.53
C GLN A 120 0.23 10.83 9.34
N PHE A 121 1.37 10.21 9.01
CA PHE A 121 2.50 10.91 8.41
C PHE A 121 2.83 10.21 7.10
N LEU A 122 2.84 10.97 6.00
CA LEU A 122 2.98 10.44 4.65
C LEU A 122 4.10 11.16 3.92
N LEU A 123 4.90 10.41 3.15
CA LEU A 123 6.02 11.03 2.46
C LEU A 123 6.35 10.24 1.20
N GLU A 124 6.36 10.94 0.08
CA GLU A 124 6.75 10.34 -1.20
C GLU A 124 8.27 10.20 -1.27
N ARG A 125 8.70 9.22 -2.06
CA ARG A 125 10.09 8.77 -2.10
C ARG A 125 11.09 9.87 -2.42
N ARG A 126 10.70 10.83 -3.26
CA ARG A 126 11.66 11.89 -3.60
C ARG A 126 12.11 12.65 -2.37
N PHE A 127 11.34 12.60 -1.28
CA PHE A 127 11.65 13.30 -0.03
C PHE A 127 12.25 12.41 1.05
N TRP A 128 12.35 11.09 0.85
CA TRP A 128 12.76 10.24 1.97
C TRP A 128 14.17 10.59 2.43
N GLY A 129 15.12 10.70 1.51
CA GLY A 129 16.51 10.88 1.91
C GLY A 129 16.72 12.18 2.66
N GLU A 130 16.03 13.23 2.27
CA GLU A 130 16.18 14.53 2.90
C GLU A 130 15.39 14.65 4.21
N VAL A 131 14.21 14.04 4.30
CA VAL A 131 13.27 14.33 5.38
C VAL A 131 13.21 13.20 6.42
N TYR A 132 13.08 11.94 5.96
CA TYR A 132 12.98 10.84 6.90
C TYR A 132 14.32 10.59 7.61
N PRO A 133 14.29 10.07 8.84
CA PRO A 133 15.52 9.51 9.42
C PRO A 133 16.10 8.47 8.47
N SER A 134 17.43 8.37 8.46
CA SER A 134 18.09 7.55 7.44
C SER A 134 17.61 6.10 7.51
N GLU A 135 17.39 5.57 8.74
CA GLU A 135 16.94 4.18 8.85
C GLU A 135 15.49 4.00 8.37
N ILE A 136 14.70 5.07 8.33
CA ILE A 136 13.34 4.98 7.80
C ILE A 136 13.36 5.03 6.26
N ALA A 137 14.19 5.90 5.67
CA ALA A 137 14.40 5.87 4.23
C ALA A 137 14.88 4.49 3.76
N THR A 138 15.78 3.88 4.53
CA THR A 138 16.27 2.55 4.18
C THR A 138 15.12 1.54 4.16
N LEU A 139 14.31 1.53 5.21
CA LEU A 139 13.12 0.68 5.22
C LEU A 139 12.27 0.94 3.98
N GLY A 140 12.04 2.22 3.66
CA GLY A 140 11.26 2.55 2.48
C GLY A 140 11.87 2.00 1.19
N GLU A 141 13.21 2.08 1.06
CA GLU A 141 13.86 1.56 -0.16
C GLU A 141 13.72 0.04 -0.25
N HIS A 142 13.88 -0.67 0.86
CA HIS A 142 13.64 -2.12 0.88
C HIS A 142 12.21 -2.45 0.46
N LEU A 143 11.23 -1.71 1.02
CA LEU A 143 9.85 -2.01 0.66
C LEU A 143 9.59 -1.71 -0.80
N THR A 144 10.20 -0.64 -1.32
CA THR A 144 10.02 -0.32 -2.73
C THR A 144 10.47 -1.49 -3.61
N LEU A 145 11.64 -2.07 -3.31
CA LEU A 145 12.15 -3.14 -4.15
C LEU A 145 11.36 -4.43 -3.93
N LEU A 146 10.93 -4.70 -2.70
CA LEU A 146 10.01 -5.81 -2.46
C LEU A 146 8.69 -5.61 -3.20
N SER A 147 8.14 -4.39 -3.17
CA SER A 147 6.88 -4.15 -3.86
C SER A 147 7.03 -4.30 -5.36
N HIS A 148 8.16 -3.84 -5.89
CA HIS A 148 8.46 -3.95 -7.31
C HIS A 148 8.43 -5.41 -7.76
N ARG A 149 9.08 -6.29 -6.98
CA ARG A 149 9.06 -7.71 -7.31
C ARG A 149 7.64 -8.27 -7.29
N VAL A 150 6.84 -7.91 -6.28
CA VAL A 150 5.46 -8.39 -6.23
C VAL A 150 4.67 -7.88 -7.44
N LEU A 151 4.85 -6.60 -7.80
CA LEU A 151 4.07 -6.03 -8.89
C LEU A 151 4.37 -6.74 -10.21
N ARG A 152 5.65 -7.02 -10.47
CA ARG A 152 6.03 -7.68 -11.71
C ARG A 152 5.48 -9.11 -11.77
N SER A 153 5.49 -9.82 -10.65
CA SER A 153 4.86 -11.13 -10.63
C SER A 153 3.36 -11.04 -10.91
N VAL A 154 2.71 -9.94 -10.50
CA VAL A 154 1.28 -9.76 -10.78
C VAL A 154 1.03 -9.40 -12.25
N LEU A 155 1.88 -8.54 -12.82
CA LEU A 155 1.65 -8.14 -14.21
C LEU A 155 1.82 -9.32 -15.16
N ALA A 156 2.79 -10.20 -14.86
CA ALA A 156 3.00 -11.38 -15.70
C ALA A 156 1.76 -12.24 -15.72
N SER A 157 1.13 -12.44 -14.56
CA SER A 157 -0.07 -13.25 -14.46
C SER A 157 -1.27 -12.63 -15.18
N ALA A 158 -1.22 -11.35 -15.52
CA ALA A 158 -2.33 -10.68 -16.19
C ALA A 158 -2.26 -10.79 -17.71
N GLY A 159 -1.20 -11.36 -18.25
CA GLY A 159 -1.08 -11.50 -19.69
C GLY A 159 -0.82 -10.21 -20.45
N ILE A 160 -0.20 -9.22 -19.82
CA ILE A 160 0.19 -7.98 -20.47
C ILE A 160 1.61 -8.17 -21.01
N PRO A 161 1.92 -7.76 -22.25
CA PRO A 161 3.28 -7.91 -22.78
C PRO A 161 4.29 -7.08 -21.99
N GLU A 162 5.43 -7.70 -21.68
CA GLU A 162 6.43 -7.09 -20.80
C GLU A 162 6.83 -5.69 -21.27
N GLU A 163 6.90 -5.46 -22.58
CA GLU A 163 7.37 -4.14 -23.01
C GLU A 163 6.37 -3.05 -22.73
N ASP A 164 5.13 -3.39 -22.41
CA ASP A 164 4.16 -2.41 -21.97
C ASP A 164 4.15 -2.19 -20.46
N TRP A 165 4.91 -2.99 -19.69
CA TRP A 165 4.79 -2.92 -18.24
C TRP A 165 5.12 -1.54 -17.71
N HIS A 166 6.16 -0.91 -18.23
CA HIS A 166 6.64 0.36 -17.67
C HIS A 166 5.59 1.44 -17.80
N ARG A 167 4.98 1.56 -18.98
CA ARG A 167 3.96 2.58 -19.15
C ARG A 167 2.65 2.17 -18.48
N ALA A 168 2.35 0.88 -18.49
CA ALA A 168 1.10 0.42 -17.87
C ALA A 168 1.11 0.70 -16.38
N SER A 169 2.28 0.59 -15.76
CA SER A 169 2.44 0.68 -14.32
C SER A 169 2.88 2.06 -13.88
N GLY A 170 2.96 3.02 -14.82
CA GLY A 170 3.42 4.35 -14.46
C GLY A 170 4.80 4.35 -13.81
N GLY A 171 5.67 3.41 -14.20
CA GLY A 171 7.01 3.34 -13.72
C GLY A 171 7.22 2.33 -12.61
N CYS A 172 6.15 1.79 -12.02
CA CYS A 172 6.31 0.88 -10.90
C CYS A 172 6.84 -0.50 -11.30
N SER A 173 6.76 -0.89 -12.57
CA SER A 173 7.39 -2.14 -12.97
C SER A 173 8.91 -2.05 -12.95
N GLU A 174 9.45 -0.84 -12.87
CA GLU A 174 10.87 -0.61 -12.58
C GLU A 174 10.95 0.07 -11.21
N THR A 175 11.68 1.18 -11.05
CA THR A 175 11.74 1.92 -9.79
C THR A 175 11.44 3.39 -10.02
N ASN A 176 10.64 3.65 -11.05
CA ASN A 176 10.27 4.97 -11.53
C ASN A 176 8.88 5.44 -11.10
N GLY A 177 8.15 4.67 -10.29
CA GLY A 177 6.81 5.07 -9.89
C GLY A 177 6.82 6.18 -8.85
N SER A 178 5.64 6.49 -8.33
CA SER A 178 5.51 7.26 -7.10
C SER A 178 5.30 6.31 -5.93
N TYR A 179 6.00 6.57 -4.83
CA TYR A 179 6.01 5.68 -3.68
C TYR A 179 5.78 6.48 -2.42
N HIS A 180 4.79 6.10 -1.65
CA HIS A 180 4.54 6.73 -0.38
C HIS A 180 4.81 5.72 0.71
N LEU A 181 5.61 6.12 1.69
CA LEU A 181 5.74 5.37 2.94
C LEU A 181 4.94 6.14 3.98
N THR A 182 3.93 5.48 4.52
CA THR A 182 2.87 6.16 5.28
C THR A 182 2.75 5.50 6.63
N PHE A 183 2.72 6.31 7.69
CA PHE A 183 2.62 5.84 9.07
C PHE A 183 1.28 6.27 9.65
N ASN A 184 0.60 5.33 10.30
CA ASN A 184 -0.78 5.45 10.75
C ASN A 184 -0.86 5.28 12.26
N HIS A 185 -1.62 6.15 12.92
CA HIS A 185 -1.95 5.96 14.33
C HIS A 185 -3.45 6.22 14.52
N TYR A 186 -4.12 5.33 15.24
CA TYR A 186 -5.57 5.44 15.47
C TYR A 186 -5.79 5.95 16.88
N ARG A 187 -6.36 7.15 16.99
CA ARG A 187 -6.63 7.81 18.27
C ARG A 187 -7.91 7.23 18.87
N SER A 188 -7.75 6.25 19.77
CA SER A 188 -8.91 5.58 20.34
C SER A 188 -9.79 6.51 21.16
N ALA A 189 -9.28 7.69 21.53
CA ALA A 189 -10.10 8.66 22.24
C ALA A 189 -11.09 9.38 21.32
N HIS A 190 -10.93 9.25 20.00
CA HIS A 190 -11.88 9.82 19.06
C HIS A 190 -12.98 8.81 18.77
N GLN A 191 -14.24 9.27 18.77
CA GLN A 191 -15.38 8.35 18.69
C GLN A 191 -15.65 7.81 17.28
N ASP A 192 -14.81 8.09 16.31
CA ASP A 192 -15.11 7.70 14.95
C ASP A 192 -14.83 6.20 14.71
N ILE A 193 -15.21 5.74 13.52
CA ILE A 193 -14.59 4.55 12.98
C ILE A 193 -13.06 4.79 12.86
N GLY A 194 -12.30 3.72 12.88
CA GLY A 194 -10.85 3.84 12.75
C GLY A 194 -10.46 4.50 11.44
N LEU A 195 -10.91 3.92 10.35
CA LEU A 195 -10.71 4.46 9.01
C LEU A 195 -11.86 3.93 8.17
N SER A 196 -12.60 4.83 7.52
CA SER A 196 -13.83 4.39 6.88
C SER A 196 -13.53 3.68 5.55
N SER A 197 -14.56 3.05 5.01
CA SER A 197 -14.45 2.21 3.81
C SER A 197 -13.85 2.98 2.65
N HIS A 198 -12.90 2.35 1.97
CA HIS A 198 -12.28 2.98 0.82
C HIS A 198 -11.58 1.90 0.01
N LYS A 199 -11.23 2.26 -1.20
CA LYS A 199 -10.28 1.50 -1.98
C LYS A 199 -9.03 2.35 -2.12
N ASP A 200 -7.86 1.72 -2.08
CA ASP A 200 -6.61 2.47 -2.24
C ASP A 200 -6.48 2.99 -3.66
N ASP A 201 -5.82 4.15 -3.80
CA ASP A 201 -5.26 4.58 -5.07
C ASP A 201 -4.07 3.68 -5.46
N GLY A 202 -3.53 3.94 -6.63
CA GLY A 202 -2.29 3.29 -6.99
C GLY A 202 -2.44 1.82 -7.37
N PHE A 203 -1.29 1.16 -7.41
CA PHE A 203 -1.22 -0.18 -7.95
C PHE A 203 -1.16 -1.24 -6.88
N ILE A 204 -0.29 -1.06 -5.89
CA ILE A 204 -0.04 -2.12 -4.93
C ILE A 204 0.26 -1.48 -3.58
N THR A 205 -0.35 -2.04 -2.55
CA THR A 205 -0.14 -1.65 -1.17
C THR A 205 0.49 -2.82 -0.45
N VAL A 206 1.57 -2.55 0.28
CA VAL A 206 2.14 -3.50 1.21
C VAL A 206 1.93 -2.92 2.60
N LEU A 207 1.13 -3.60 3.41
CA LEU A 207 0.69 -3.09 4.71
C LEU A 207 1.33 -3.91 5.84
N ARG A 208 1.93 -3.21 6.79
CA ARG A 208 2.48 -3.83 7.98
C ARG A 208 1.56 -3.48 9.14
N THR A 209 0.80 -4.46 9.59
CA THR A 209 -0.11 -4.31 10.71
C THR A 209 0.15 -5.46 11.67
N THR A 210 0.13 -5.15 12.99
CA THR A 210 0.36 -6.15 14.02
C THR A 210 -0.80 -6.24 15.00
N ALA A 211 -1.92 -5.57 14.73
CA ALA A 211 -3.05 -5.56 15.64
C ALA A 211 -4.35 -5.70 14.85
N GLN A 212 -5.33 -6.29 15.51
CA GLN A 212 -6.70 -6.40 15.02
C GLN A 212 -7.23 -5.04 14.58
N GLY A 213 -8.11 -5.05 13.59
CA GLY A 213 -8.79 -3.83 13.19
C GLY A 213 -9.08 -3.75 11.72
N LEU A 214 -8.19 -4.30 10.90
CA LEU A 214 -8.41 -4.23 9.46
C LEU A 214 -9.55 -5.15 9.06
N GLU A 215 -10.43 -4.67 8.19
CA GLU A 215 -11.54 -5.47 7.70
C GLU A 215 -11.65 -5.27 6.20
N VAL A 216 -12.01 -6.35 5.49
CA VAL A 216 -12.14 -6.31 4.04
C VAL A 216 -13.53 -6.79 3.64
N ASN A 217 -14.06 -6.18 2.59
CA ASN A 217 -15.33 -6.57 1.98
C ASN A 217 -14.98 -7.42 0.75
N ARG A 218 -14.65 -8.69 1.01
CA ARG A 218 -14.11 -9.56 -0.03
C ARG A 218 -15.17 -9.89 -1.06
N ASP A 219 -16.12 -10.75 -0.68
CA ASP A 219 -17.24 -11.04 -1.56
C ASP A 219 -18.32 -9.98 -1.39
N ASP A 220 -19.15 -10.12 -0.37
CA ASP A 220 -20.14 -9.09 -0.04
C ASP A 220 -20.31 -8.88 1.45
N VAL A 221 -19.63 -9.64 2.29
CA VAL A 221 -19.67 -9.45 3.73
C VAL A 221 -18.34 -8.87 4.20
N TRP A 222 -18.41 -8.03 5.23
CA TRP A 222 -17.21 -7.53 5.89
C TRP A 222 -16.56 -8.65 6.70
N GLU A 223 -15.24 -8.79 6.57
CA GLU A 223 -14.51 -9.81 7.30
C GLU A 223 -13.24 -9.23 7.90
N LYS A 224 -12.87 -9.74 9.08
CA LYS A 224 -11.64 -9.33 9.73
C LYS A 224 -10.44 -9.95 9.04
N VAL A 225 -9.40 -9.14 8.84
CA VAL A 225 -8.13 -9.69 8.35
C VAL A 225 -7.38 -10.25 9.54
N PRO A 226 -7.06 -11.55 9.58
CA PRO A 226 -6.40 -12.11 10.76
C PRO A 226 -5.03 -11.48 11.00
N VAL A 227 -4.65 -11.43 12.26
CA VAL A 227 -3.39 -10.82 12.65
C VAL A 227 -2.27 -11.83 12.46
N ASP A 228 -1.20 -11.40 11.81
CA ASP A 228 -0.01 -12.24 11.66
C ASP A 228 1.18 -11.31 11.50
N PRO A 229 1.92 -11.04 12.58
CA PRO A 229 3.01 -10.06 12.51
C PRO A 229 4.25 -10.55 11.76
N ALA A 230 4.23 -11.77 11.22
CA ALA A 230 5.28 -12.27 10.33
C ALA A 230 4.92 -12.13 8.85
N CYS A 231 3.78 -11.52 8.54
CA CYS A 231 3.35 -11.27 7.15
C CYS A 231 2.94 -9.81 6.96
N PHE A 232 3.16 -9.31 5.74
CA PHE A 232 2.48 -8.11 5.27
C PHE A 232 1.12 -8.49 4.71
N VAL A 233 0.24 -7.51 4.65
CA VAL A 233 -1.00 -7.62 3.89
C VAL A 233 -0.80 -6.89 2.59
N VAL A 234 -1.06 -7.57 1.47
CA VAL A 234 -0.91 -6.98 0.15
C VAL A 234 -2.28 -6.83 -0.46
N ASN A 235 -2.56 -5.66 -1.03
CA ASN A 235 -3.77 -5.52 -1.81
C ASN A 235 -3.50 -4.56 -2.96
N PHE A 236 -4.48 -4.45 -3.86
CA PHE A 236 -4.30 -3.64 -5.05
C PHE A 236 -5.09 -2.36 -4.90
N GLY A 237 -4.75 -1.37 -5.75
CA GLY A 237 -5.45 -0.10 -5.75
C GLY A 237 -6.24 0.14 -7.03
N LEU A 238 -6.87 1.32 -7.08
CA LEU A 238 -7.74 1.67 -8.20
C LEU A 238 -7.00 1.63 -9.53
N SER A 239 -5.72 2.03 -9.56
CA SER A 239 -4.99 2.01 -10.83
C SER A 239 -4.79 0.59 -11.33
N MET A 240 -4.63 -0.39 -10.43
CA MET A 240 -4.52 -1.78 -10.87
C MET A 240 -5.85 -2.27 -11.43
N GLU A 241 -6.96 -1.91 -10.76
CA GLU A 241 -8.28 -2.33 -11.21
C GLU A 241 -8.58 -1.77 -12.59
N ILE A 242 -8.31 -0.47 -12.78
CA ILE A 242 -8.50 0.13 -14.09
C ILE A 242 -7.65 -0.58 -15.13
N LEU A 243 -6.38 -0.85 -14.79
CA LEU A 243 -5.44 -1.41 -15.76
C LEU A 243 -5.91 -2.76 -16.30
N THR A 244 -6.43 -3.62 -15.42
CA THR A 244 -6.70 -5.01 -15.74
C THR A 244 -8.20 -5.30 -15.97
N SER A 245 -9.03 -4.28 -16.22
CA SER A 245 -10.47 -4.54 -16.27
C SER A 245 -10.86 -5.48 -17.42
N ALA A 246 -10.07 -5.52 -18.50
CA ALA A 246 -10.39 -6.35 -19.67
C ALA A 246 -9.53 -7.60 -19.77
N CYS A 247 -8.82 -8.00 -18.73
CA CYS A 247 -8.01 -9.21 -18.77
C CYS A 247 -8.88 -10.43 -18.46
N VAL A 248 -8.25 -11.61 -18.53
CA VAL A 248 -8.96 -12.85 -18.23
C VAL A 248 -9.46 -12.84 -16.79
N THR A 249 -8.58 -12.48 -15.85
CA THR A 249 -8.94 -12.31 -14.45
C THR A 249 -8.76 -10.84 -14.11
N PRO A 250 -9.81 -10.03 -14.24
CA PRO A 250 -9.70 -8.65 -13.76
C PRO A 250 -9.35 -8.64 -12.27
N LEU A 251 -8.45 -7.75 -11.89
CA LEU A 251 -8.07 -7.59 -10.50
C LEU A 251 -8.88 -6.45 -9.91
N SER A 252 -9.26 -6.61 -8.64
CA SER A 252 -10.10 -5.63 -7.97
C SER A 252 -9.33 -4.91 -6.87
N ALA A 253 -9.53 -3.60 -6.78
CA ALA A 253 -9.11 -2.80 -5.62
C ALA A 253 -10.11 -3.04 -4.49
N ILE A 254 -9.71 -3.84 -3.51
CA ILE A 254 -10.63 -4.29 -2.47
C ILE A 254 -11.02 -3.16 -1.53
N MET A 255 -12.33 -3.05 -1.24
CA MET A 255 -12.87 -2.11 -0.24
C MET A 255 -12.47 -2.62 1.13
N HIS A 256 -11.89 -1.75 1.94
CA HIS A 256 -11.45 -2.14 3.28
C HIS A 256 -11.59 -0.95 4.22
N ARG A 257 -11.43 -1.21 5.50
CA ARG A 257 -11.65 -0.20 6.52
C ARG A 257 -10.97 -0.69 7.79
N VAL A 258 -10.89 0.19 8.78
CA VAL A 258 -10.35 -0.15 10.09
C VAL A 258 -11.46 0.14 11.09
N SER A 259 -11.79 -0.86 11.90
CA SER A 259 -12.92 -0.70 12.81
C SER A 259 -12.55 0.22 13.97
N HIS A 260 -13.60 0.70 14.64
CA HIS A 260 -13.41 1.60 15.78
C HIS A 260 -12.45 0.97 16.78
N GLN A 261 -11.43 1.71 17.17
CA GLN A 261 -10.44 1.20 18.11
C GLN A 261 -10.78 1.70 19.50
N ASN A 262 -10.84 0.79 20.47
CA ASN A 262 -11.03 1.13 21.87
C ASN A 262 -9.72 1.39 22.57
N PHE A 263 -8.62 0.87 22.04
CA PHE A 263 -7.27 1.16 22.48
C PHE A 263 -6.48 1.57 21.25
N ASP A 264 -5.34 2.23 21.47
CA ASP A 264 -4.56 2.75 20.36
C ASP A 264 -4.11 1.61 19.44
N ARG A 265 -3.85 1.98 18.18
CA ARG A 265 -3.36 1.04 17.19
C ARG A 265 -2.46 1.85 16.28
N SER A 266 -1.39 1.21 15.77
CA SER A 266 -0.58 1.86 14.76
C SER A 266 -0.22 0.84 13.71
N SER A 267 0.23 1.34 12.57
CA SER A 267 0.59 0.53 11.43
C SER A 267 1.35 1.41 10.44
N PHE A 268 1.86 0.79 9.38
CA PHE A 268 2.42 1.59 8.32
C PHE A 268 2.34 0.81 7.02
N GLY A 269 2.42 1.53 5.90
CA GLY A 269 2.29 0.91 4.61
C GLY A 269 3.18 1.57 3.57
N HIS A 270 3.46 0.81 2.52
CA HIS A 270 4.16 1.29 1.33
C HIS A 270 3.15 1.24 0.18
N PHE A 271 2.94 2.38 -0.48
CA PHE A 271 1.94 2.52 -1.53
C PHE A 271 2.64 2.87 -2.83
N SER A 272 2.32 2.14 -3.91
CA SER A 272 2.89 2.38 -5.23
C SER A 272 1.81 2.93 -6.15
N SER A 273 2.09 4.04 -6.85
CA SER A 273 1.16 4.61 -7.82
C SER A 273 1.99 5.14 -8.99
N SER A 274 1.31 5.69 -10.00
CA SER A 274 1.99 6.18 -11.20
C SER A 274 2.82 7.42 -10.90
N ARG A 275 3.98 7.51 -11.54
CA ARG A 275 4.78 8.71 -11.43
C ARG A 275 4.00 9.85 -12.04
N CYS A 276 4.07 11.03 -11.41
CA CYS A 276 3.16 12.14 -11.73
C CYS A 276 3.98 13.43 -11.69
N LEU A 277 4.84 13.60 -12.67
CA LEU A 277 5.75 14.73 -12.66
C LEU A 277 5.68 15.59 -13.92
N ASP A 281 4.95 10.33 -19.27
CA ASP A 281 4.15 9.55 -18.31
C ASP A 281 2.68 9.90 -18.34
N ASP A 282 2.36 10.96 -17.58
CA ASP A 282 1.05 11.60 -17.49
C ASP A 282 -0.05 10.63 -17.09
N GLY A 283 -0.35 9.64 -17.94
CA GLY A 283 -1.66 9.02 -17.96
C GLY A 283 -1.89 7.84 -17.03
N ILE A 284 -3.17 7.49 -16.92
CA ILE A 284 -3.63 6.26 -16.29
C ILE A 284 -4.20 5.38 -17.41
N TYR A 285 -3.79 4.10 -17.45
CA TYR A 285 -4.03 3.27 -18.62
C TYR A 285 -4.89 2.05 -18.32
N ARG A 286 -5.58 1.59 -19.36
CA ARG A 286 -6.25 0.29 -19.39
C ARG A 286 -5.66 -0.55 -20.52
N TYR A 287 -5.39 -1.83 -20.24
CA TYR A 287 -4.82 -2.72 -21.23
C TYR A 287 -5.93 -3.40 -22.05
N LEU A 288 -5.88 -3.25 -23.37
CA LEU A 288 -6.85 -3.91 -24.24
C LEU A 288 -6.18 -5.10 -24.91
N PRO A 289 -6.54 -6.34 -24.59
CA PRO A 289 -5.81 -7.48 -25.14
C PRO A 289 -5.80 -7.40 -26.67
N SER A 290 -4.64 -7.74 -27.24
CA SER A 290 -4.34 -7.72 -28.67
C SER A 290 -4.13 -6.32 -29.24
N ALA A 291 -4.29 -5.26 -28.43
CA ALA A 291 -4.18 -3.90 -28.95
C ALA A 291 -3.22 -2.99 -28.17
N GLY A 292 -2.96 -3.23 -26.91
CA GLY A 292 -2.11 -2.35 -26.14
C GLY A 292 -2.89 -1.46 -25.17
N LEU A 293 -2.28 -0.33 -24.83
CA LEU A 293 -2.71 0.48 -23.70
C LEU A 293 -3.58 1.64 -24.15
N GLU A 294 -4.72 1.81 -23.51
CA GLU A 294 -5.61 2.93 -23.75
C GLU A 294 -5.58 3.88 -22.56
N ARG A 295 -5.30 5.16 -22.82
CA ARG A 295 -5.33 6.17 -21.78
C ARG A 295 -6.76 6.44 -21.31
N VAL A 296 -6.97 6.39 -20.00
CA VAL A 296 -8.29 6.58 -19.41
C VAL A 296 -8.44 8.00 -18.84
N CYS A 297 -7.42 8.47 -18.13
CA CYS A 297 -7.48 9.74 -17.41
C CYS A 297 -6.05 10.13 -17.04
N GLY A 298 -5.89 11.03 -16.08
CA GLY A 298 -4.60 11.51 -15.66
C GLY A 298 -4.26 11.06 -14.24
N SER A 299 -2.98 11.23 -13.88
CA SER A 299 -2.54 10.89 -12.53
C SER A 299 -3.29 11.70 -11.48
N ARG A 300 -3.47 13.00 -11.73
CA ARG A 300 -4.04 13.91 -10.74
C ARG A 300 -5.51 13.60 -10.47
N GLU A 301 -6.33 13.58 -11.53
CA GLU A 301 -7.77 13.44 -11.36
C GLU A 301 -8.16 12.13 -10.70
N LEU A 302 -7.31 11.10 -10.77
CA LEU A 302 -7.65 9.83 -10.13
C LEU A 302 -7.53 9.92 -8.62
N ILE A 303 -6.42 10.50 -8.12
CA ILE A 303 -6.26 10.71 -6.68
C ILE A 303 -7.49 11.44 -6.12
N GLU A 304 -7.97 12.45 -6.85
CA GLU A 304 -9.11 13.24 -6.38
C GLU A 304 -10.37 12.40 -6.20
#